data_4G6M
#
_entry.id   4G6M
#
_cell.length_a   67.884
_cell.length_b   73.651
_cell.length_c   111.254
_cell.angle_alpha   90.00
_cell.angle_beta   90.00
_cell.angle_gamma   90.00
#
_symmetry.space_group_name_H-M   'P 21 21 21'
#
loop_
_entity.id
_entity.type
_entity.pdbx_description
1 polymer 'Interleukin-1 beta'
2 polymer 'heavy chain of gevokizumab antibody binding fragment'
3 polymer 'light chain of gevokizumab antibody binding fragment'
4 water water
#
loop_
_entity_poly.entity_id
_entity_poly.type
_entity_poly.pdbx_seq_one_letter_code
_entity_poly.pdbx_strand_id
1 'polypeptide(L)'
;PVRSLNCTLRDSQQKSLVMSGPYELKALHLQGQDMEQQVVFSMSFVQGEESNDKIPVALGLKEKNLYLSCVLKDDKPTLQ
LESVDPKNYPKKKMEKRFVFNKIEINNKLEFESAQFPNWYISTSQAENMPVFLGGTKGGQDITDFTMQFV
;
A
2 'polypeptide(L)'
;QVQLQESGPGLVKPSQTLSLTCSFSGFSLSTSGMGVGWIRQPSGKGLEWLAHIWWDGDESYNPSLKSRLTISKDTSKNQV
SLKITSVTAADTAVYFCARNRYDPPWFVDWGQGTLVTVSSASTKGPSVFPLAPSSKSTSGGTAALGCLVKDYFPEPVTVS
WNSGALTSGVHTFPAVLQSSGLYSLSSVVTVPSSSLGTQTYICNVNHKPSNTKVDKRVEP
;
H
3 'polypeptide(L)'
;DIQMTQSTSSLSASVGDRVTITCRASQDISNYLSWYQQKPGKAVKLLIYYTSKLHSGVPSRFSGSGSGTDYTLTISSLQQ
EDFATYFCLQGKMLPWTFGQGTKLEIKRTVAAPSVFIFPPSDEQLKSGTASVVCLLNNFYPREAKVQWKVDNALQSGNSQ
ESVTEQDSKDSTYSLSSTLTLSKADYEKHKVYACEVTHQGLSSPVTKSFNRGE
;
L
#
# COMPACT_ATOMS: atom_id res chain seq x y z
N PRO A 1 -32.84 -14.10 6.12
CA PRO A 1 -32.68 -13.82 4.68
C PRO A 1 -33.21 -12.45 4.27
N VAL A 2 -32.46 -11.76 3.39
CA VAL A 2 -32.78 -10.43 2.86
C VAL A 2 -34.18 -10.42 2.20
N ARG A 3 -34.99 -9.38 2.48
CA ARG A 3 -36.36 -9.23 1.94
C ARG A 3 -36.30 -9.01 0.44
N SER A 4 -37.00 -9.87 -0.34
CA SER A 4 -37.03 -9.77 -1.80
C SER A 4 -38.38 -10.16 -2.41
N LEU A 5 -38.61 -9.77 -3.67
CA LEU A 5 -39.82 -10.07 -4.41
C LEU A 5 -39.54 -10.35 -5.89
N ASN A 6 -40.34 -11.23 -6.48
CA ASN A 6 -40.21 -11.61 -7.88
C ASN A 6 -41.17 -10.77 -8.72
N CYS A 7 -40.65 -10.12 -9.77
CA CYS A 7 -41.46 -9.22 -10.59
C CYS A 7 -40.95 -9.09 -12.01
N THR A 8 -41.79 -8.54 -12.89
CA THR A 8 -41.41 -8.18 -14.24
C THR A 8 -41.48 -6.66 -14.31
N LEU A 9 -40.78 -6.05 -15.27
CA LEU A 9 -40.80 -4.60 -15.46
C LEU A 9 -41.13 -4.29 -16.91
N ARG A 10 -41.99 -3.31 -17.12
CA ARG A 10 -42.34 -2.86 -18.47
C ARG A 10 -42.14 -1.37 -18.49
N ASP A 11 -41.61 -0.82 -19.60
CA ASP A 11 -41.38 0.63 -19.65
C ASP A 11 -42.70 1.39 -19.85
N SER A 12 -42.63 2.74 -19.80
CA SER A 12 -43.74 3.67 -19.98
C SER A 12 -44.55 3.37 -21.24
N GLN A 13 -43.87 2.99 -22.33
CA GLN A 13 -44.49 2.71 -23.62
C GLN A 13 -44.91 1.23 -23.79
N GLN A 14 -44.91 0.47 -22.67
CA GLN A 14 -45.30 -0.94 -22.51
C GLN A 14 -44.33 -1.95 -23.17
N LYS A 15 -43.06 -1.55 -23.37
CA LYS A 15 -42.08 -2.48 -23.92
C LYS A 15 -41.61 -3.42 -22.83
N SER A 16 -41.41 -4.69 -23.17
CA SER A 16 -40.93 -5.68 -22.21
C SER A 16 -39.41 -5.75 -22.26
N LEU A 17 -38.80 -6.27 -21.19
CA LEU A 17 -37.34 -6.45 -21.09
C LEU A 17 -37.05 -7.93 -21.25
N VAL A 18 -36.11 -8.28 -22.16
CA VAL A 18 -35.70 -9.66 -22.46
C VAL A 18 -34.17 -9.83 -22.33
N MET A 19 -33.69 -11.07 -22.14
CA MET A 19 -32.26 -11.38 -22.08
C MET A 19 -31.80 -11.68 -23.52
N SER A 20 -31.19 -10.68 -24.15
CA SER A 20 -30.71 -10.76 -25.54
C SER A 20 -29.35 -11.43 -25.70
N GLY A 21 -28.58 -11.43 -24.62
CA GLY A 21 -27.25 -12.00 -24.53
C GLY A 21 -26.92 -12.44 -23.13
N PRO A 22 -25.75 -13.11 -22.90
CA PRO A 22 -25.42 -13.55 -21.53
C PRO A 22 -25.27 -12.42 -20.50
N TYR A 23 -24.94 -11.20 -20.95
CA TYR A 23 -24.78 -10.04 -20.07
C TYR A 23 -25.49 -8.84 -20.68
N GLU A 24 -26.64 -9.08 -21.33
CA GLU A 24 -27.35 -7.98 -21.96
C GLU A 24 -28.84 -8.15 -21.92
N LEU A 25 -29.54 -7.02 -21.75
CA LEU A 25 -31.00 -6.94 -21.79
C LEU A 25 -31.37 -5.99 -22.91
N LYS A 26 -32.47 -6.28 -23.60
CA LYS A 26 -33.03 -5.43 -24.65
C LYS A 26 -34.50 -5.15 -24.31
N ALA A 27 -35.06 -4.06 -24.86
CA ALA A 27 -36.46 -3.69 -24.66
C ALA A 27 -37.18 -3.66 -26.01
N LEU A 28 -38.33 -4.35 -26.07
CA LEU A 28 -39.15 -4.41 -27.29
C LEU A 28 -40.58 -4.79 -26.92
N HIS A 29 -41.56 -4.42 -27.76
CA HIS A 29 -42.95 -4.80 -27.51
C HIS A 29 -43.07 -6.29 -27.80
N LEU A 30 -43.62 -7.04 -26.85
CA LEU A 30 -43.81 -8.48 -27.01
C LEU A 30 -45.28 -8.79 -27.25
N GLN A 31 -45.55 -9.51 -28.36
CA GLN A 31 -46.89 -9.95 -28.73
C GLN A 31 -47.31 -11.08 -27.79
N GLY A 32 -48.61 -11.27 -27.60
CA GLY A 32 -49.20 -12.28 -26.72
C GLY A 32 -48.57 -13.67 -26.72
N GLN A 33 -47.95 -14.09 -27.85
CA GLN A 33 -47.32 -15.41 -27.99
C GLN A 33 -45.84 -15.43 -27.52
N ASP A 34 -45.18 -14.26 -27.42
CA ASP A 34 -43.76 -14.14 -27.01
C ASP A 34 -43.54 -13.59 -25.59
N MET A 35 -44.63 -13.33 -24.83
CA MET A 35 -44.63 -12.79 -23.46
C MET A 35 -43.71 -13.52 -22.47
N GLU A 36 -43.59 -14.87 -22.60
CA GLU A 36 -42.77 -15.72 -21.73
C GLU A 36 -41.25 -15.41 -21.79
N GLN A 37 -40.80 -14.70 -22.84
CA GLN A 37 -39.40 -14.32 -23.02
C GLN A 37 -38.94 -13.25 -22.01
N GLN A 38 -39.89 -12.45 -21.46
CA GLN A 38 -39.57 -11.37 -20.51
C GLN A 38 -38.81 -11.86 -19.28
N VAL A 39 -37.86 -11.05 -18.80
CA VAL A 39 -37.04 -11.46 -17.65
C VAL A 39 -37.80 -11.26 -16.34
N VAL A 40 -37.59 -12.19 -15.41
CA VAL A 40 -38.19 -12.09 -14.08
C VAL A 40 -37.07 -11.63 -13.14
N PHE A 41 -37.28 -10.47 -12.51
CA PHE A 41 -36.34 -9.89 -11.57
C PHE A 41 -36.67 -10.33 -10.16
N SER A 42 -35.63 -10.48 -9.33
CA SER A 42 -35.72 -10.73 -7.91
C SER A 42 -35.18 -9.42 -7.31
N MET A 43 -36.09 -8.55 -6.85
CA MET A 43 -35.75 -7.26 -6.28
C MET A 43 -35.61 -7.38 -4.77
N SER A 44 -34.40 -7.09 -4.26
CA SER A 44 -34.05 -7.18 -2.84
C SER A 44 -33.96 -5.80 -2.19
N PHE A 45 -34.28 -5.73 -0.89
CA PHE A 45 -34.23 -4.47 -0.14
C PHE A 45 -32.93 -4.42 0.64
N VAL A 46 -32.01 -3.58 0.15
CA VAL A 46 -30.66 -3.46 0.71
C VAL A 46 -30.56 -2.31 1.73
N GLN A 47 -29.37 -2.08 2.30
CA GLN A 47 -29.15 -1.02 3.28
C GLN A 47 -29.05 0.35 2.62
N GLY A 48 -29.38 1.40 3.36
CA GLY A 48 -29.31 2.79 2.88
C GLY A 48 -30.35 3.73 3.44
N GLU A 49 -30.69 4.77 2.63
CA GLU A 49 -31.64 5.83 2.95
C GLU A 49 -33.11 5.40 2.76
N GLU A 50 -33.82 5.18 3.89
CA GLU A 50 -35.22 4.76 3.93
C GLU A 50 -36.18 5.94 3.78
N SER A 51 -37.13 5.86 2.82
CA SER A 51 -38.16 6.86 2.51
C SER A 51 -39.27 6.24 1.67
N ASN A 52 -40.55 6.58 1.96
CA ASN A 52 -41.72 6.09 1.23
C ASN A 52 -41.75 6.50 -0.27
N ASP A 53 -40.84 7.40 -0.67
CA ASP A 53 -40.68 7.90 -2.04
C ASP A 53 -39.36 7.46 -2.69
N LYS A 54 -38.38 6.97 -1.89
CA LYS A 54 -37.07 6.53 -2.34
C LYS A 54 -36.45 5.45 -1.41
N ILE A 55 -36.32 4.19 -1.89
CA ILE A 55 -35.73 3.09 -1.10
C ILE A 55 -34.63 2.33 -1.85
N PRO A 56 -33.52 1.99 -1.16
CA PRO A 56 -32.44 1.26 -1.85
C PRO A 56 -32.77 -0.21 -2.15
N VAL A 57 -32.57 -0.61 -3.41
CA VAL A 57 -32.83 -1.97 -3.88
C VAL A 57 -31.64 -2.53 -4.71
N ALA A 58 -31.62 -3.86 -4.89
CA ALA A 58 -30.70 -4.55 -5.81
C ALA A 58 -31.60 -5.33 -6.78
N LEU A 59 -31.28 -5.30 -8.06
CA LEU A 59 -32.04 -5.94 -9.11
C LEU A 59 -31.29 -7.14 -9.69
N GLY A 60 -31.73 -8.32 -9.27
CA GLY A 60 -31.16 -9.58 -9.72
C GLY A 60 -32.09 -10.28 -10.68
N LEU A 61 -31.57 -11.15 -11.53
CA LEU A 61 -32.43 -11.94 -12.42
C LEU A 61 -32.69 -13.25 -11.71
N LYS A 62 -33.97 -13.53 -11.42
CA LYS A 62 -34.44 -14.71 -10.66
C LYS A 62 -33.73 -16.01 -11.02
N GLU A 63 -33.03 -16.59 -10.01
CA GLU A 63 -32.26 -17.84 -10.05
C GLU A 63 -31.18 -17.90 -11.16
N LYS A 64 -30.72 -16.73 -11.68
CA LYS A 64 -29.73 -16.67 -12.76
C LYS A 64 -28.32 -16.25 -12.33
N ASN A 65 -28.17 -15.88 -11.05
CA ASN A 65 -26.91 -15.41 -10.45
C ASN A 65 -26.32 -14.23 -11.26
N LEU A 66 -27.24 -13.33 -11.67
CA LEU A 66 -26.92 -12.13 -12.42
C LEU A 66 -27.58 -10.95 -11.74
N TYR A 67 -26.83 -9.84 -11.61
CA TYR A 67 -27.33 -8.61 -11.03
C TYR A 67 -27.04 -7.45 -11.95
N LEU A 68 -27.95 -6.45 -11.96
CA LEU A 68 -27.68 -5.23 -12.70
C LEU A 68 -26.70 -4.40 -11.86
N SER A 69 -25.73 -3.75 -12.52
CA SER A 69 -24.82 -2.90 -11.79
C SER A 69 -24.51 -1.67 -12.63
N CYS A 70 -24.01 -0.61 -11.98
CA CYS A 70 -23.60 0.61 -12.68
C CYS A 70 -22.17 0.87 -12.37
N VAL A 71 -21.34 0.97 -13.41
CA VAL A 71 -19.91 1.21 -13.24
C VAL A 71 -19.47 2.31 -14.19
N LEU A 72 -18.40 3.01 -13.83
CA LEU A 72 -17.83 4.05 -14.70
C LEU A 72 -16.97 3.34 -15.74
N LYS A 73 -17.30 3.57 -17.02
CA LYS A 73 -16.56 3.01 -18.16
C LYS A 73 -16.25 4.14 -19.11
N ASP A 74 -14.96 4.44 -19.31
CA ASP A 74 -14.48 5.53 -20.17
C ASP A 74 -15.19 6.86 -19.80
N ASP A 75 -15.23 7.14 -18.48
CA ASP A 75 -15.81 8.30 -17.81
C ASP A 75 -17.34 8.39 -17.93
N LYS A 76 -18.01 7.35 -18.41
CA LYS A 76 -19.47 7.37 -18.54
C LYS A 76 -20.15 6.33 -17.62
N PRO A 77 -21.09 6.76 -16.73
CA PRO A 77 -21.84 5.79 -15.93
C PRO A 77 -22.51 4.77 -16.86
N THR A 78 -22.23 3.48 -16.66
CA THR A 78 -22.69 2.43 -17.57
C THR A 78 -23.42 1.31 -16.85
N LEU A 79 -24.57 0.92 -17.42
CA LEU A 79 -25.34 -0.21 -16.92
C LEU A 79 -24.66 -1.52 -17.41
N GLN A 80 -24.59 -2.52 -16.53
CA GLN A 80 -23.96 -3.82 -16.81
C GLN A 80 -24.83 -4.91 -16.20
N LEU A 81 -24.67 -6.16 -16.69
CA LEU A 81 -25.27 -7.36 -16.11
C LEU A 81 -24.05 -8.17 -15.71
N GLU A 82 -23.91 -8.45 -14.42
CA GLU A 82 -22.74 -9.12 -13.85
C GLU A 82 -23.12 -10.43 -13.22
N SER A 83 -22.31 -11.48 -13.47
CA SER A 83 -22.47 -12.79 -12.85
C SER A 83 -21.96 -12.69 -11.42
N VAL A 84 -22.65 -13.30 -10.45
CA VAL A 84 -22.19 -13.27 -9.05
C VAL A 84 -22.02 -14.67 -8.48
N ASP A 85 -21.28 -14.76 -7.36
CA ASP A 85 -21.05 -15.99 -6.64
C ASP A 85 -22.39 -16.50 -6.06
N PRO A 86 -22.91 -17.67 -6.49
CA PRO A 86 -24.21 -18.12 -5.95
C PRO A 86 -24.23 -18.36 -4.43
N LYS A 87 -23.05 -18.56 -3.81
CA LYS A 87 -22.92 -18.84 -2.37
C LYS A 87 -22.87 -17.58 -1.48
N ASN A 88 -22.77 -16.39 -2.08
CA ASN A 88 -22.67 -15.10 -1.37
C ASN A 88 -23.82 -14.12 -1.64
N TYR A 89 -24.69 -14.43 -2.63
CA TYR A 89 -25.81 -13.57 -3.02
C TYR A 89 -27.15 -14.30 -2.99
N PRO A 90 -28.27 -13.58 -2.71
CA PRO A 90 -28.37 -12.17 -2.30
C PRO A 90 -27.84 -11.92 -0.88
N LYS A 91 -27.43 -10.68 -0.59
CA LYS A 91 -26.96 -10.30 0.75
C LYS A 91 -27.48 -8.88 1.07
N LYS A 92 -27.73 -8.61 2.36
CA LYS A 92 -28.26 -7.33 2.86
C LYS A 92 -27.35 -6.15 2.49
N LYS A 93 -26.04 -6.33 2.68
CA LYS A 93 -25.07 -5.31 2.34
C LYS A 93 -24.45 -5.64 0.98
N MET A 94 -25.00 -5.04 -0.08
CA MET A 94 -24.49 -5.24 -1.44
C MET A 94 -23.35 -4.28 -1.74
N GLU A 95 -22.46 -4.64 -2.66
CA GLU A 95 -21.40 -3.75 -3.12
C GLU A 95 -22.10 -2.54 -3.76
N LYS A 96 -21.58 -1.33 -3.57
CA LYS A 96 -22.25 -0.08 -3.96
C LYS A 96 -22.78 -0.04 -5.40
N ARG A 97 -22.04 -0.63 -6.37
CA ARG A 97 -22.45 -0.59 -7.79
C ARG A 97 -23.80 -1.29 -8.08
N PHE A 98 -24.24 -2.22 -7.22
CA PHE A 98 -25.49 -2.97 -7.38
C PHE A 98 -26.71 -2.24 -6.84
N VAL A 99 -26.50 -1.14 -6.12
CA VAL A 99 -27.60 -0.45 -5.45
C VAL A 99 -28.28 0.57 -6.35
N PHE A 100 -29.60 0.47 -6.42
CA PHE A 100 -30.45 1.43 -7.12
C PHE A 100 -31.39 2.04 -6.11
N ASN A 101 -31.69 3.33 -6.27
CA ASN A 101 -32.66 4.01 -5.44
C ASN A 101 -33.97 3.90 -6.21
N LYS A 102 -34.91 3.07 -5.71
CA LYS A 102 -36.22 2.88 -6.34
C LYS A 102 -37.12 4.06 -5.95
N ILE A 103 -37.53 4.85 -6.95
CA ILE A 103 -38.35 6.04 -6.76
C ILE A 103 -39.77 5.80 -7.31
N GLU A 104 -40.79 6.07 -6.48
CA GLU A 104 -42.20 5.97 -6.84
C GLU A 104 -42.62 7.39 -7.25
N ILE A 105 -42.90 7.58 -8.55
CA ILE A 105 -43.29 8.88 -9.10
C ILE A 105 -44.40 8.72 -10.14
N ASN A 106 -45.54 9.39 -9.89
CA ASN A 106 -46.75 9.41 -10.74
C ASN A 106 -47.20 8.00 -11.12
N ASN A 107 -47.44 7.14 -10.10
CA ASN A 107 -47.88 5.74 -10.22
C ASN A 107 -46.95 4.84 -11.06
N LYS A 108 -45.69 5.28 -11.22
CA LYS A 108 -44.66 4.58 -11.98
C LYS A 108 -43.42 4.41 -11.10
N LEU A 109 -42.42 3.70 -11.64
CA LEU A 109 -41.16 3.43 -10.94
C LEU A 109 -39.99 3.95 -11.73
N GLU A 110 -39.00 4.48 -11.02
CA GLU A 110 -37.75 4.93 -11.58
C GLU A 110 -36.66 4.28 -10.75
N PHE A 111 -35.57 3.87 -11.39
CA PHE A 111 -34.44 3.26 -10.69
C PHE A 111 -33.18 4.08 -10.92
N GLU A 112 -32.83 4.90 -9.92
CA GLU A 112 -31.65 5.77 -9.99
C GLU A 112 -30.44 5.01 -9.48
N SER A 113 -29.30 5.08 -10.19
CA SER A 113 -28.08 4.44 -9.68
C SER A 113 -27.68 5.15 -8.38
N ALA A 114 -27.46 4.40 -7.28
CA ALA A 114 -27.06 5.04 -6.00
C ALA A 114 -25.76 5.86 -6.09
N GLN A 115 -24.75 5.39 -6.83
CA GLN A 115 -23.49 6.12 -6.89
C GLN A 115 -23.42 7.15 -8.00
N PHE A 116 -24.36 7.10 -8.96
CA PHE A 116 -24.43 8.07 -10.04
C PHE A 116 -25.80 8.76 -9.96
N PRO A 117 -26.02 9.69 -9.00
CA PRO A 117 -27.32 10.37 -8.94
C PRO A 117 -27.65 11.05 -10.26
N ASN A 118 -28.94 11.10 -10.61
CA ASN A 118 -29.45 11.70 -11.86
C ASN A 118 -29.26 10.80 -13.09
N TRP A 119 -28.77 9.54 -12.87
CA TRP A 119 -28.65 8.53 -13.91
C TRP A 119 -29.60 7.39 -13.55
N TYR A 120 -30.43 7.02 -14.54
CA TYR A 120 -31.52 6.06 -14.37
C TYR A 120 -31.51 4.92 -15.36
N ILE A 121 -32.05 3.74 -14.93
CA ILE A 121 -32.26 2.61 -15.82
C ILE A 121 -33.21 3.12 -16.91
N SER A 122 -32.77 3.03 -18.17
CA SER A 122 -33.50 3.61 -19.29
C SER A 122 -33.65 2.69 -20.48
N THR A 123 -34.64 3.01 -21.33
CA THR A 123 -34.89 2.30 -22.57
C THR A 123 -35.00 3.32 -23.71
N SER A 124 -34.66 2.91 -24.93
CA SER A 124 -34.77 3.74 -26.13
C SER A 124 -36.23 3.67 -26.57
N GLN A 125 -36.75 4.71 -27.27
CA GLN A 125 -38.13 4.67 -27.79
C GLN A 125 -38.23 3.63 -28.93
N ALA A 126 -37.10 3.40 -29.62
CA ALA A 126 -36.99 2.42 -30.71
C ALA A 126 -37.00 0.99 -30.16
N GLU A 127 -37.32 0.01 -31.03
CA GLU A 127 -37.42 -1.40 -30.70
C GLU A 127 -36.10 -2.13 -30.67
N ASN A 128 -36.03 -3.18 -29.81
CA ASN A 128 -34.96 -4.17 -29.66
C ASN A 128 -33.57 -3.57 -29.46
N MET A 129 -33.51 -2.49 -28.69
CA MET A 129 -32.27 -1.82 -28.36
C MET A 129 -31.91 -2.18 -26.91
N PRO A 130 -30.59 -2.27 -26.56
CA PRO A 130 -30.24 -2.61 -25.17
C PRO A 130 -30.80 -1.67 -24.12
N VAL A 131 -31.02 -2.23 -22.91
CA VAL A 131 -31.42 -1.45 -21.74
C VAL A 131 -30.10 -0.80 -21.28
N PHE A 132 -30.13 0.49 -20.93
CA PHE A 132 -28.92 1.22 -20.59
C PHE A 132 -29.12 2.18 -19.41
N LEU A 133 -28.05 2.84 -18.98
CA LEU A 133 -28.12 3.86 -17.93
C LEU A 133 -28.14 5.21 -18.63
N GLY A 134 -29.23 5.94 -18.43
CA GLY A 134 -29.43 7.24 -19.08
C GLY A 134 -29.39 8.41 -18.12
N GLY A 135 -28.74 9.48 -18.54
CA GLY A 135 -28.64 10.70 -17.74
C GLY A 135 -29.35 11.90 -18.33
N THR A 136 -30.21 11.72 -19.35
CA THR A 136 -30.88 12.88 -19.97
C THR A 136 -32.00 13.40 -19.06
N LYS A 137 -32.06 14.75 -18.90
CA LYS A 137 -32.98 15.47 -18.02
C LYS A 137 -34.48 15.23 -18.28
N GLY A 138 -34.85 15.04 -19.54
CA GLY A 138 -36.23 14.81 -19.94
C GLY A 138 -36.42 15.00 -21.43
N GLY A 139 -36.30 13.91 -22.18
CA GLY A 139 -36.44 13.92 -23.63
C GLY A 139 -36.77 12.59 -24.26
N GLN A 140 -35.92 12.18 -25.22
CA GLN A 140 -36.03 11.01 -26.08
C GLN A 140 -36.15 9.65 -25.38
N ASP A 141 -35.38 9.41 -24.31
CA ASP A 141 -35.35 8.11 -23.63
C ASP A 141 -36.36 7.95 -22.48
N ILE A 142 -36.80 6.70 -22.23
CA ILE A 142 -37.78 6.33 -21.20
C ILE A 142 -37.09 5.90 -19.89
N THR A 143 -37.52 6.48 -18.75
CA THR A 143 -36.96 6.18 -17.42
C THR A 143 -38.05 5.72 -16.43
N ASP A 144 -39.31 5.67 -16.89
CA ASP A 144 -40.49 5.27 -16.11
C ASP A 144 -40.89 3.84 -16.46
N PHE A 145 -41.18 3.03 -15.41
CA PHE A 145 -41.54 1.62 -15.53
C PHE A 145 -42.74 1.23 -14.66
N THR A 146 -43.45 0.18 -15.05
CA THR A 146 -44.52 -0.42 -14.25
C THR A 146 -43.98 -1.77 -13.77
N MET A 147 -44.39 -2.20 -12.57
CA MET A 147 -43.97 -3.45 -11.97
C MET A 147 -45.17 -4.41 -11.87
N GLN A 148 -44.96 -5.68 -12.28
CA GLN A 148 -45.97 -6.73 -12.21
C GLN A 148 -45.40 -7.89 -11.40
N PHE A 149 -46.05 -8.26 -10.28
CA PHE A 149 -45.58 -9.33 -9.40
C PHE A 149 -45.68 -10.72 -10.03
N VAL A 150 -44.69 -11.58 -9.75
CA VAL A 150 -44.61 -12.97 -10.23
C VAL A 150 -44.78 -13.93 -9.05
N GLN B 1 -2.79 19.20 -5.43
CA GLN B 1 -4.21 18.90 -5.66
C GLN B 1 -4.82 18.10 -4.50
N VAL B 2 -4.71 16.75 -4.52
CA VAL B 2 -5.26 15.91 -3.45
C VAL B 2 -4.16 15.43 -2.54
N GLN B 3 -4.41 15.47 -1.22
CA GLN B 3 -3.49 14.96 -0.22
C GLN B 3 -4.21 14.30 0.94
N LEU B 4 -3.69 13.16 1.39
CA LEU B 4 -4.21 12.38 2.51
C LEU B 4 -3.04 12.21 3.46
N GLN B 5 -3.29 12.35 4.77
CA GLN B 5 -2.23 12.22 5.77
C GLN B 5 -2.75 11.55 7.02
N GLU B 6 -2.12 10.44 7.39
CA GLU B 6 -2.46 9.63 8.55
C GLU B 6 -1.72 10.14 9.78
N SER B 7 -2.38 10.08 10.93
CA SER B 7 -1.77 10.42 12.21
C SER B 7 -2.36 9.48 13.25
N GLY B 8 -1.58 9.23 14.29
CA GLY B 8 -1.95 8.31 15.35
C GLY B 8 -0.94 8.30 16.48
N PRO B 9 -1.21 7.52 17.56
CA PRO B 9 -0.34 7.56 18.75
C PRO B 9 1.07 6.92 18.72
N GLY B 10 1.46 6.27 17.63
CA GLY B 10 2.79 5.66 17.48
C GLY B 10 3.11 4.41 18.30
N LEU B 11 2.77 4.42 19.58
CA LEU B 11 3.00 3.29 20.48
C LEU B 11 1.75 3.16 21.37
N VAL B 12 1.17 1.96 21.39
CA VAL B 12 -0.02 1.64 22.19
C VAL B 12 0.20 0.34 22.96
N LYS B 13 -0.39 0.22 24.15
CA LYS B 13 -0.23 -1.03 24.90
C LYS B 13 -1.21 -2.10 24.38
N PRO B 14 -0.87 -3.41 24.43
CA PRO B 14 -1.87 -4.44 24.08
C PRO B 14 -3.14 -4.30 24.94
N SER B 15 -4.34 -4.57 24.34
CA SER B 15 -5.71 -4.50 24.88
C SER B 15 -6.29 -3.08 24.87
N GLN B 16 -5.48 -2.04 24.54
CA GLN B 16 -5.93 -0.65 24.45
C GLN B 16 -6.69 -0.47 23.14
N THR B 17 -7.43 0.65 23.03
CA THR B 17 -8.08 1.01 21.76
C THR B 17 -7.12 1.97 21.05
N LEU B 18 -6.94 1.76 19.73
CA LEU B 18 -6.10 2.58 18.85
C LEU B 18 -7.02 3.46 17.99
N SER B 19 -6.77 4.78 18.00
CA SER B 19 -7.54 5.73 17.21
C SER B 19 -6.61 6.36 16.17
N LEU B 20 -6.94 6.19 14.88
CA LEU B 20 -6.14 6.75 13.79
C LEU B 20 -6.96 7.77 13.03
N THR B 21 -6.31 8.81 12.50
CA THR B 21 -7.02 9.84 11.74
C THR B 21 -6.42 9.99 10.36
N CYS B 22 -7.27 10.15 9.37
CA CYS B 22 -6.89 10.42 7.99
C CYS B 22 -7.37 11.85 7.70
N SER B 23 -6.43 12.80 7.62
CA SER B 23 -6.77 14.18 7.30
C SER B 23 -6.63 14.36 5.80
N PHE B 24 -7.70 14.83 5.13
CA PHE B 24 -7.64 14.94 3.68
C PHE B 24 -8.00 16.33 3.20
N SER B 25 -7.48 16.70 2.02
CA SER B 25 -7.78 17.98 1.38
C SER B 25 -7.78 17.79 -0.15
N GLY B 26 -8.34 18.74 -0.87
CA GLY B 26 -8.36 18.69 -2.32
C GLY B 26 -9.56 18.00 -2.92
N PHE B 27 -10.44 17.47 -2.06
CA PHE B 27 -11.70 16.84 -2.47
C PHE B 27 -12.67 16.86 -1.29
N SER B 28 -13.95 16.60 -1.56
CA SER B 28 -14.94 16.52 -0.50
C SER B 28 -15.43 15.08 -0.42
N LEU B 29 -15.50 14.53 0.79
CA LEU B 29 -16.03 13.18 0.98
C LEU B 29 -17.55 13.15 0.83
N SER B 30 -18.21 14.32 0.81
CA SER B 30 -19.65 14.36 0.62
C SER B 30 -20.05 14.30 -0.87
N THR B 31 -19.04 14.40 -1.79
CA THR B 31 -19.25 14.30 -3.25
C THR B 31 -19.76 12.87 -3.56
N SER B 32 -20.84 12.74 -4.36
CA SER B 32 -21.39 11.43 -4.73
C SER B 32 -20.32 10.51 -5.33
N GLY B 33 -20.28 9.29 -4.84
CA GLY B 33 -19.32 8.28 -5.29
C GLY B 33 -18.03 8.25 -4.49
N MET B 34 -17.71 9.33 -3.77
CA MET B 34 -16.47 9.42 -2.99
C MET B 34 -16.40 8.42 -1.85
N GLY B 35 -15.19 7.89 -1.66
CA GLY B 35 -14.87 6.92 -0.62
C GLY B 35 -13.45 7.07 -0.09
N VAL B 36 -13.24 6.63 1.15
CA VAL B 36 -11.93 6.60 1.81
C VAL B 36 -11.82 5.25 2.47
N GLY B 37 -10.69 4.57 2.21
CA GLY B 37 -10.37 3.28 2.79
C GLY B 37 -9.14 3.31 3.66
N TRP B 38 -9.04 2.36 4.59
CA TRP B 38 -7.88 2.14 5.46
C TRP B 38 -7.33 0.77 5.07
N ILE B 39 -6.00 0.70 4.93
CA ILE B 39 -5.22 -0.47 4.53
C ILE B 39 -4.01 -0.50 5.47
N ARG B 40 -3.53 -1.69 5.84
CA ARG B 40 -2.35 -1.74 6.70
C ARG B 40 -1.34 -2.70 6.12
N GLN B 41 -0.11 -2.59 6.61
CA GLN B 41 0.98 -3.44 6.16
C GLN B 41 1.85 -3.80 7.36
N PRO B 42 1.75 -5.05 7.89
CA PRO B 42 2.67 -5.46 8.98
C PRO B 42 4.09 -5.57 8.43
N SER B 43 5.14 -5.42 9.29
CA SER B 43 6.53 -5.47 8.83
C SER B 43 6.86 -6.75 8.05
N GLY B 44 7.47 -6.58 6.88
CA GLY B 44 7.85 -7.68 6.00
C GLY B 44 6.71 -8.39 5.28
N LYS B 45 5.44 -8.00 5.56
CA LYS B 45 4.23 -8.56 4.96
C LYS B 45 3.64 -7.63 3.88
N GLY B 46 2.53 -8.06 3.27
CA GLY B 46 1.85 -7.32 2.22
C GLY B 46 0.74 -6.41 2.72
N LEU B 47 -0.02 -5.86 1.79
CA LEU B 47 -1.15 -4.99 2.06
C LEU B 47 -2.38 -5.74 2.48
N GLU B 48 -3.07 -5.21 3.51
CA GLU B 48 -4.30 -5.79 3.98
C GLU B 48 -5.41 -4.72 4.01
N TRP B 49 -6.54 -4.94 3.30
CA TRP B 49 -7.66 -4.00 3.33
C TRP B 49 -8.39 -4.12 4.68
N LEU B 50 -8.67 -2.99 5.34
CA LEU B 50 -9.32 -3.01 6.65
C LEU B 50 -10.77 -2.55 6.67
N ALA B 51 -11.01 -1.34 6.17
CA ALA B 51 -12.32 -0.69 6.26
C ALA B 51 -12.47 0.37 5.20
N HIS B 52 -13.73 0.78 4.95
CA HIS B 52 -14.03 1.79 3.94
C HIS B 52 -15.28 2.53 4.37
N ILE B 53 -15.42 3.76 3.88
CA ILE B 53 -16.61 4.57 4.13
C ILE B 53 -16.94 5.36 2.87
N TRP B 54 -18.22 5.34 2.47
CA TRP B 54 -18.70 6.07 1.30
C TRP B 54 -19.21 7.46 1.71
N TRP B 55 -19.43 8.34 0.72
CA TRP B 55 -19.97 9.69 0.91
C TRP B 55 -21.28 9.69 1.72
N ASP B 56 -22.04 8.59 1.64
CA ASP B 56 -23.36 8.44 2.29
C ASP B 56 -23.27 7.70 3.65
N GLY B 57 -22.05 7.51 4.12
CA GLY B 57 -21.75 6.89 5.41
C GLY B 57 -21.88 5.38 5.50
N ASP B 58 -22.02 4.70 4.36
CA ASP B 58 -22.12 3.24 4.28
C ASP B 58 -20.71 2.70 4.61
N GLU B 59 -20.59 1.99 5.75
CA GLU B 59 -19.32 1.46 6.22
C GLU B 59 -19.13 0.03 5.74
N SER B 60 -17.89 -0.33 5.42
CA SER B 60 -17.52 -1.67 4.99
C SER B 60 -16.33 -2.10 5.82
N TYR B 61 -16.29 -3.37 6.27
CA TYR B 61 -15.21 -3.89 7.09
C TYR B 61 -14.70 -5.24 6.65
N ASN B 62 -13.40 -5.49 6.88
CA ASN B 62 -12.82 -6.79 6.62
C ASN B 62 -13.29 -7.72 7.77
N PRO B 63 -14.03 -8.83 7.46
CA PRO B 63 -14.50 -9.74 8.52
C PRO B 63 -13.43 -10.37 9.40
N SER B 64 -12.17 -10.41 8.94
CA SER B 64 -11.06 -10.97 9.73
C SER B 64 -10.76 -10.15 11.01
N LEU B 65 -11.37 -8.94 11.13
CA LEU B 65 -11.26 -8.08 12.31
C LEU B 65 -12.45 -7.06 12.44
N LYS B 66 -13.59 -7.30 11.72
CA LYS B 66 -14.79 -6.43 11.71
C LYS B 66 -15.30 -6.05 13.12
N SER B 67 -15.32 -7.02 14.09
CA SER B 67 -15.79 -6.80 15.45
C SER B 67 -14.95 -5.75 16.17
N ARG B 68 -13.67 -5.63 15.79
CA ARG B 68 -12.76 -4.68 16.44
C ARG B 68 -12.62 -3.34 15.73
N LEU B 69 -13.25 -3.17 14.55
CA LEU B 69 -13.10 -1.94 13.79
C LEU B 69 -14.30 -1.03 13.78
N THR B 70 -14.03 0.29 13.74
CA THR B 70 -15.05 1.31 13.56
C THR B 70 -14.44 2.40 12.67
N ILE B 71 -15.09 2.68 11.53
CA ILE B 71 -14.67 3.74 10.64
C ILE B 71 -15.74 4.81 10.69
N SER B 72 -15.34 6.09 10.74
CA SER B 72 -16.28 7.21 10.79
C SER B 72 -15.69 8.39 10.03
N LYS B 73 -16.54 9.35 9.65
CA LYS B 73 -16.11 10.53 8.93
C LYS B 73 -16.62 11.81 9.61
N ASP B 74 -15.86 12.89 9.41
CA ASP B 74 -16.21 14.21 9.89
C ASP B 74 -15.93 15.14 8.72
N THR B 75 -16.99 15.47 7.99
CA THR B 75 -16.92 16.32 6.80
C THR B 75 -16.75 17.80 7.16
N SER B 76 -16.85 18.15 8.47
CA SER B 76 -16.63 19.52 8.92
C SER B 76 -15.12 19.73 9.12
N LYS B 77 -14.40 18.68 9.55
CA LYS B 77 -12.95 18.69 9.77
C LYS B 77 -12.19 18.06 8.59
N ASN B 78 -12.92 17.42 7.63
CA ASN B 78 -12.32 16.70 6.49
C ASN B 78 -11.40 15.58 7.03
N GLN B 79 -11.96 14.75 7.92
CA GLN B 79 -11.23 13.67 8.56
C GLN B 79 -11.98 12.36 8.55
N VAL B 80 -11.25 11.26 8.37
CA VAL B 80 -11.80 9.91 8.45
C VAL B 80 -11.06 9.23 9.60
N SER B 81 -11.80 8.69 10.58
CA SER B 81 -11.16 8.04 11.72
C SER B 81 -11.29 6.52 11.65
N LEU B 82 -10.28 5.81 12.14
CA LEU B 82 -10.35 4.37 12.27
C LEU B 82 -10.06 4.03 13.75
N LYS B 83 -11.00 3.34 14.39
CA LYS B 83 -10.85 2.91 15.77
C LYS B 83 -10.67 1.39 15.76
N ILE B 84 -9.59 0.90 16.39
CA ILE B 84 -9.32 -0.53 16.51
C ILE B 84 -9.32 -0.88 17.99
N THR B 85 -10.28 -1.69 18.45
CA THR B 85 -10.35 -2.05 19.88
C THR B 85 -9.47 -3.28 20.18
N SER B 86 -9.13 -3.49 21.47
CA SER B 86 -8.35 -4.65 21.97
C SER B 86 -7.18 -4.98 21.04
N VAL B 87 -6.25 -4.05 20.88
CA VAL B 87 -5.11 -4.31 19.98
C VAL B 87 -4.16 -5.36 20.55
N THR B 88 -3.44 -6.07 19.66
CA THR B 88 -2.44 -7.08 20.05
C THR B 88 -1.20 -6.77 19.22
N ALA B 89 -0.09 -7.49 19.45
CA ALA B 89 1.15 -7.32 18.65
C ALA B 89 0.91 -7.58 17.16
N ALA B 90 -0.16 -8.36 16.81
CA ALA B 90 -0.55 -8.66 15.42
C ALA B 90 -1.02 -7.38 14.68
N ASP B 91 -1.42 -6.34 15.44
CA ASP B 91 -1.86 -5.06 14.87
C ASP B 91 -0.68 -4.06 14.66
N THR B 92 0.57 -4.48 14.96
CA THR B 92 1.73 -3.62 14.72
C THR B 92 1.86 -3.56 13.20
N ALA B 93 1.88 -2.34 12.62
CA ALA B 93 1.89 -2.15 11.17
C ALA B 93 1.93 -0.69 10.81
N VAL B 94 2.16 -0.42 9.51
CA VAL B 94 2.05 0.92 8.94
C VAL B 94 0.60 0.94 8.46
N TYR B 95 -0.14 1.99 8.84
CA TYR B 95 -1.54 2.17 8.47
C TYR B 95 -1.63 3.27 7.46
N PHE B 96 -2.33 3.00 6.35
CA PHE B 96 -2.52 3.96 5.26
C PHE B 96 -3.98 4.26 5.02
N CYS B 97 -4.27 5.48 4.60
CA CYS B 97 -5.61 5.79 4.11
C CYS B 97 -5.47 6.12 2.64
N ALA B 98 -6.51 5.83 1.86
CA ALA B 98 -6.47 6.05 0.43
C ALA B 98 -7.86 6.42 -0.03
N ARG B 99 -7.96 7.18 -1.11
CA ARG B 99 -9.27 7.60 -1.59
C ARG B 99 -9.62 6.97 -2.92
N ASN B 100 -10.93 6.93 -3.22
CA ASN B 100 -11.45 6.43 -4.49
C ASN B 100 -12.74 7.17 -4.80
N ARG B 101 -13.16 7.09 -6.05
CA ARG B 101 -14.46 7.59 -6.45
C ARG B 101 -15.08 6.44 -7.23
N TYR B 102 -16.23 5.94 -6.72
CA TYR B 102 -17.05 4.88 -7.27
C TYR B 102 -16.59 3.47 -6.94
N ASP B 103 -17.54 2.54 -7.03
CA ASP B 103 -17.35 1.12 -6.85
C ASP B 103 -17.37 0.46 -8.26
N PRO B 104 -16.46 -0.50 -8.56
CA PRO B 104 -15.36 -1.03 -7.72
C PRO B 104 -14.30 0.05 -7.45
N PRO B 105 -13.63 0.04 -6.29
CA PRO B 105 -12.71 1.14 -5.99
C PRO B 105 -11.33 1.06 -6.61
N TRP B 106 -10.88 2.16 -7.22
CA TRP B 106 -9.51 2.26 -7.71
C TRP B 106 -8.88 3.28 -6.78
N PHE B 107 -7.97 2.81 -5.91
CA PHE B 107 -7.38 3.67 -4.90
C PHE B 107 -6.31 4.59 -5.53
N VAL B 108 -6.77 5.74 -6.07
CA VAL B 108 -6.02 6.76 -6.83
C VAL B 108 -4.98 7.56 -6.03
N ASP B 109 -5.24 7.86 -4.76
CA ASP B 109 -4.30 8.64 -3.94
C ASP B 109 -4.19 7.93 -2.60
N TRP B 110 -2.96 7.78 -2.10
CA TRP B 110 -2.64 7.12 -0.83
C TRP B 110 -1.82 8.10 0.02
N GLY B 111 -1.94 7.97 1.33
CA GLY B 111 -1.13 8.75 2.26
C GLY B 111 0.22 8.05 2.43
N GLN B 112 1.18 8.73 3.09
CA GLN B 112 2.51 8.18 3.34
C GLN B 112 2.48 7.06 4.40
N GLY B 113 1.44 7.06 5.24
CA GLY B 113 1.25 6.05 6.27
C GLY B 113 1.70 6.50 7.64
N THR B 114 1.18 5.84 8.67
CA THR B 114 1.58 6.06 10.06
C THR B 114 1.95 4.73 10.71
N LEU B 115 3.12 4.67 11.34
CA LEU B 115 3.55 3.45 12.00
C LEU B 115 2.94 3.33 13.40
N VAL B 116 2.37 2.16 13.70
CA VAL B 116 1.80 1.84 15.02
C VAL B 116 2.52 0.61 15.52
N THR B 117 3.11 0.73 16.73
CA THR B 117 3.74 -0.38 17.43
C THR B 117 2.84 -0.70 18.62
N VAL B 118 2.47 -1.98 18.76
CA VAL B 118 1.65 -2.44 19.87
C VAL B 118 2.60 -3.19 20.80
N SER B 119 2.88 -2.61 21.98
CA SER B 119 3.83 -3.19 22.92
C SER B 119 3.65 -2.61 24.31
N SER B 120 4.04 -3.40 25.34
CA SER B 120 4.03 -2.96 26.74
C SER B 120 5.40 -2.36 27.12
N ALA B 121 6.37 -2.41 26.22
CA ALA B 121 7.74 -1.90 26.46
C ALA B 121 7.76 -0.38 26.61
N SER B 122 8.67 0.14 27.43
CA SER B 122 8.80 1.56 27.71
C SER B 122 9.48 2.31 26.58
N THR B 123 9.09 3.57 26.37
CA THR B 123 9.71 4.47 25.41
C THR B 123 11.11 4.81 25.98
N LYS B 124 12.15 4.79 25.12
CA LYS B 124 13.51 5.09 25.54
C LYS B 124 14.22 5.81 24.41
N GLY B 125 14.90 6.89 24.75
CA GLY B 125 15.64 7.67 23.75
C GLY B 125 17.00 7.07 23.47
N PRO B 126 17.55 7.29 22.25
CA PRO B 126 18.86 6.72 21.93
C PRO B 126 20.04 7.52 22.46
N SER B 127 21.21 6.88 22.47
CA SER B 127 22.48 7.52 22.73
C SER B 127 23.02 7.75 21.31
N VAL B 128 23.69 8.87 21.07
CA VAL B 128 24.20 9.19 19.75
C VAL B 128 25.71 9.33 19.81
N PHE B 129 26.44 8.47 19.08
CA PHE B 129 27.90 8.45 19.07
C PHE B 129 28.47 8.78 17.69
N PRO B 130 29.54 9.59 17.62
CA PRO B 130 30.13 9.88 16.29
C PRO B 130 30.92 8.69 15.72
N LEU B 131 30.87 8.53 14.40
CA LEU B 131 31.66 7.55 13.67
C LEU B 131 32.65 8.44 12.91
N ALA B 132 33.75 8.79 13.58
CA ALA B 132 34.76 9.72 13.06
C ALA B 132 35.46 9.22 11.79
N PRO B 133 35.71 10.11 10.79
CA PRO B 133 36.44 9.65 9.59
C PRO B 133 37.88 9.26 9.94
N SER B 134 38.37 8.20 9.27
CA SER B 134 39.72 7.65 9.47
C SER B 134 40.81 8.67 9.10
N SER B 135 41.95 8.61 9.81
CA SER B 135 43.09 9.47 9.53
C SER B 135 43.91 8.89 8.36
N LYS B 136 43.67 7.60 8.04
CA LYS B 136 44.29 6.85 6.95
C LYS B 136 43.17 6.24 6.06
N SER B 137 42.28 7.10 5.52
CA SER B 137 41.18 6.68 4.66
C SER B 137 41.65 6.66 3.20
N THR B 138 41.77 7.84 2.57
CA THR B 138 42.24 8.02 1.19
C THR B 138 42.85 9.43 1.06
N SER B 139 44.11 9.52 0.59
CA SER B 139 44.81 10.80 0.41
C SER B 139 44.28 11.52 -0.84
N GLY B 140 43.42 12.50 -0.61
CA GLY B 140 42.78 13.29 -1.66
C GLY B 140 41.73 12.52 -2.43
N GLY B 141 41.02 11.63 -1.73
CA GLY B 141 39.98 10.79 -2.29
C GLY B 141 38.64 10.90 -1.59
N THR B 142 38.12 9.76 -1.09
CA THR B 142 36.81 9.68 -0.42
C THR B 142 36.95 9.17 1.02
N ALA B 143 36.25 9.85 1.94
CA ALA B 143 36.21 9.48 3.36
C ALA B 143 34.76 9.24 3.79
N ALA B 144 34.56 8.32 4.73
CA ALA B 144 33.23 8.04 5.26
C ALA B 144 33.15 8.46 6.72
N LEU B 145 32.02 9.02 7.11
CA LEU B 145 31.78 9.40 8.50
C LEU B 145 30.34 9.10 8.81
N GLY B 146 29.98 9.09 10.09
CA GLY B 146 28.60 8.84 10.48
C GLY B 146 28.26 9.04 11.93
N CYS B 147 27.08 8.53 12.31
CA CYS B 147 26.57 8.56 13.67
C CYS B 147 25.92 7.27 13.99
N LEU B 148 26.21 6.74 15.18
CA LEU B 148 25.58 5.51 15.67
C LEU B 148 24.46 5.95 16.63
N VAL B 149 23.23 5.52 16.34
CA VAL B 149 22.03 5.87 17.10
C VAL B 149 21.61 4.59 17.79
N LYS B 150 22.03 4.48 19.05
CA LYS B 150 21.93 3.25 19.82
C LYS B 150 20.88 3.22 20.92
N ASP B 151 20.22 2.05 21.06
CA ASP B 151 19.31 1.65 22.15
C ASP B 151 18.10 2.59 22.33
N TYR B 152 17.15 2.48 21.42
CA TYR B 152 15.94 3.28 21.50
C TYR B 152 14.69 2.46 21.25
N PHE B 153 13.54 2.97 21.69
CA PHE B 153 12.26 2.30 21.48
C PHE B 153 11.14 3.34 21.62
N PRO B 154 10.07 3.30 20.81
CA PRO B 154 9.84 2.42 19.64
C PRO B 154 10.46 3.06 18.40
N GLU B 155 10.22 2.47 17.22
CA GLU B 155 10.59 3.12 15.96
C GLU B 155 9.53 4.25 15.74
N PRO B 156 9.79 5.29 14.91
CA PRO B 156 11.01 5.54 14.15
C PRO B 156 11.91 6.60 14.79
N VAL B 157 13.09 6.77 14.24
CA VAL B 157 14.01 7.83 14.60
C VAL B 157 14.28 8.62 13.32
N THR B 158 14.32 9.94 13.44
CA THR B 158 14.56 10.83 12.30
C THR B 158 16.06 11.16 12.31
N VAL B 159 16.71 11.03 11.16
CA VAL B 159 18.14 11.34 11.00
C VAL B 159 18.33 12.21 9.76
N SER B 160 19.02 13.34 9.90
CA SER B 160 19.38 14.21 8.79
C SER B 160 20.82 14.67 9.02
N TRP B 161 21.42 15.30 8.01
CA TRP B 161 22.79 15.82 8.08
C TRP B 161 22.80 17.26 7.70
N ASN B 162 23.51 18.08 8.50
CA ASN B 162 23.63 19.53 8.30
C ASN B 162 22.26 20.18 8.11
N SER B 163 21.31 19.80 9.00
CA SER B 163 19.91 20.26 9.03
C SER B 163 19.15 20.05 7.71
N GLY B 164 19.51 18.98 6.99
CA GLY B 164 18.89 18.62 5.72
C GLY B 164 19.59 19.15 4.49
N ALA B 165 20.66 19.95 4.65
CA ALA B 165 21.42 20.51 3.53
C ALA B 165 22.35 19.47 2.89
N LEU B 166 22.64 18.35 3.59
CA LEU B 166 23.51 17.31 3.07
C LEU B 166 22.69 16.04 2.86
N THR B 167 22.50 15.66 1.57
CA THR B 167 21.70 14.48 1.19
C THR B 167 22.49 13.52 0.31
N SER B 168 23.38 14.04 -0.54
CA SER B 168 24.22 13.24 -1.43
C SER B 168 25.18 12.37 -0.62
N GLY B 169 25.25 11.09 -0.97
CA GLY B 169 26.12 10.12 -0.31
C GLY B 169 25.66 9.65 1.06
N VAL B 170 24.44 10.04 1.49
CA VAL B 170 23.91 9.66 2.81
C VAL B 170 23.21 8.29 2.74
N HIS B 171 23.52 7.40 3.70
CA HIS B 171 22.81 6.13 3.88
C HIS B 171 22.43 6.01 5.36
N THR B 172 21.14 6.14 5.65
CA THR B 172 20.63 5.92 7.01
C THR B 172 20.11 4.49 6.93
N PHE B 173 20.76 3.60 7.64
CA PHE B 173 20.40 2.18 7.58
C PHE B 173 19.11 1.85 8.29
N PRO B 174 18.37 0.81 7.83
CA PRO B 174 17.19 0.36 8.58
C PRO B 174 17.60 -0.08 9.99
N ALA B 175 16.78 0.25 10.98
CA ALA B 175 17.07 -0.11 12.36
C ALA B 175 17.07 -1.62 12.52
N VAL B 176 17.91 -2.11 13.43
CA VAL B 176 17.94 -3.54 13.76
C VAL B 176 17.46 -3.70 15.19
N LEU B 177 16.54 -4.66 15.42
CA LEU B 177 16.10 -4.93 16.79
C LEU B 177 17.14 -5.81 17.48
N GLN B 178 17.65 -5.34 18.62
CA GLN B 178 18.64 -6.05 19.41
C GLN B 178 17.94 -7.03 20.33
N SER B 179 18.70 -7.97 20.94
CA SER B 179 18.17 -8.99 21.86
C SER B 179 17.51 -8.36 23.09
N SER B 180 17.96 -7.17 23.49
CA SER B 180 17.42 -6.36 24.58
C SER B 180 16.01 -5.79 24.28
N GLY B 181 15.58 -5.85 23.01
CA GLY B 181 14.30 -5.29 22.60
C GLY B 181 14.39 -3.83 22.20
N LEU B 182 15.61 -3.26 22.18
CA LEU B 182 15.85 -1.88 21.77
C LEU B 182 16.45 -1.85 20.35
N TYR B 183 16.14 -0.81 19.58
CA TYR B 183 16.65 -0.66 18.22
C TYR B 183 17.98 0.05 18.20
N SER B 184 18.69 -0.09 17.09
CA SER B 184 19.95 0.61 16.86
C SER B 184 20.12 0.75 15.36
N LEU B 185 20.72 1.87 14.92
CA LEU B 185 21.04 2.09 13.51
C LEU B 185 22.21 3.02 13.39
N SER B 186 22.83 3.02 12.22
CA SER B 186 23.87 3.99 11.94
C SER B 186 23.40 4.76 10.73
N SER B 187 23.87 6.00 10.61
CA SER B 187 23.67 6.83 9.43
C SER B 187 25.05 7.25 9.02
N VAL B 188 25.36 7.07 7.74
CA VAL B 188 26.69 7.38 7.22
C VAL B 188 26.58 8.31 6.03
N VAL B 189 27.71 8.92 5.68
CA VAL B 189 27.84 9.79 4.51
C VAL B 189 29.27 9.73 3.99
N THR B 190 29.44 9.63 2.67
CA THR B 190 30.76 9.67 2.05
C THR B 190 30.96 11.05 1.51
N VAL B 191 32.12 11.61 1.83
CA VAL B 191 32.47 12.99 1.49
C VAL B 191 33.90 13.04 0.90
N PRO B 192 34.30 14.14 0.21
CA PRO B 192 35.70 14.21 -0.27
C PRO B 192 36.62 14.39 0.93
N SER B 193 37.77 13.68 0.95
CA SER B 193 38.74 13.76 2.05
C SER B 193 39.29 15.17 2.22
N SER B 194 39.33 15.95 1.11
CA SER B 194 39.82 17.32 1.01
C SER B 194 39.07 18.37 1.85
N SER B 195 37.80 18.11 2.22
CA SER B 195 36.99 19.07 2.98
C SER B 195 36.56 18.60 4.39
N LEU B 196 37.27 17.60 4.96
CA LEU B 196 36.99 16.96 6.25
C LEU B 196 36.80 17.86 7.52
N GLY B 197 37.63 18.87 7.82
CA GLY B 197 38.75 19.43 7.07
C GLY B 197 38.58 20.94 7.00
N THR B 198 37.52 21.35 6.29
CA THR B 198 37.08 22.74 6.11
C THR B 198 35.57 22.80 6.35
N GLN B 199 34.85 21.71 5.98
CA GLN B 199 33.40 21.57 6.11
C GLN B 199 32.98 20.91 7.44
N THR B 200 31.95 21.48 8.10
CA THR B 200 31.38 20.96 9.34
C THR B 200 30.34 19.88 8.99
N TYR B 201 30.36 18.75 9.72
CA TYR B 201 29.42 17.65 9.52
C TYR B 201 28.70 17.36 10.82
N ILE B 202 27.39 17.62 10.83
CA ILE B 202 26.58 17.41 12.02
C ILE B 202 25.44 16.44 11.71
N CYS B 203 25.26 15.40 12.53
CA CYS B 203 24.11 14.53 12.33
C CYS B 203 23.03 14.99 13.28
N ASN B 204 21.83 15.22 12.74
CA ASN B 204 20.66 15.68 13.48
C ASN B 204 19.78 14.47 13.74
N VAL B 205 19.70 14.06 15.01
CA VAL B 205 18.93 12.89 15.42
C VAL B 205 17.73 13.34 16.25
N ASN B 206 16.52 12.87 15.88
CA ASN B 206 15.31 13.18 16.63
C ASN B 206 14.48 11.92 16.79
N HIS B 207 14.38 11.46 18.03
CA HIS B 207 13.54 10.32 18.37
C HIS B 207 12.30 10.93 18.95
N LYS B 208 11.36 11.29 18.06
CA LYS B 208 10.11 11.95 18.43
C LYS B 208 9.31 11.20 19.52
N PRO B 209 9.22 9.84 19.56
CA PRO B 209 8.44 9.20 20.65
C PRO B 209 8.89 9.53 22.08
N SER B 210 10.19 9.76 22.31
CA SER B 210 10.75 10.06 23.64
C SER B 210 11.19 11.51 23.79
N ASN B 211 11.00 12.31 22.73
CA ASN B 211 11.41 13.71 22.64
C ASN B 211 12.92 13.88 22.90
N THR B 212 13.72 12.90 22.42
CA THR B 212 15.17 12.88 22.56
C THR B 212 15.76 13.42 21.27
N LYS B 213 16.36 14.62 21.36
CA LYS B 213 16.99 15.32 20.24
C LYS B 213 18.46 15.47 20.52
N VAL B 214 19.32 15.07 19.55
CA VAL B 214 20.78 15.18 19.66
C VAL B 214 21.35 15.61 18.31
N ASP B 215 22.12 16.71 18.29
CA ASP B 215 22.89 17.16 17.13
C ASP B 215 24.35 16.86 17.51
N LYS B 216 25.04 15.97 16.74
CA LYS B 216 26.40 15.55 17.04
C LYS B 216 27.37 16.01 15.94
N ARG B 217 28.44 16.73 16.32
CA ARG B 217 29.49 17.16 15.39
C ARG B 217 30.38 15.93 15.14
N VAL B 218 30.65 15.62 13.87
CA VAL B 218 31.47 14.46 13.50
C VAL B 218 32.76 15.02 12.92
N GLU B 219 33.84 14.97 13.70
CA GLU B 219 35.14 15.54 13.34
C GLU B 219 36.24 14.49 13.13
N PRO B 220 37.29 14.76 12.31
CA PRO B 220 38.35 13.74 12.08
C PRO B 220 39.12 13.30 13.31
N ASP C 1 -14.51 -15.27 0.92
CA ASP C 1 -13.49 -14.33 0.44
C ASP C 1 -12.87 -14.79 -0.88
N ILE C 2 -12.62 -13.84 -1.81
CA ILE C 2 -11.91 -14.12 -3.05
C ILE C 2 -10.43 -14.08 -2.69
N GLN C 3 -9.70 -15.18 -2.95
CA GLN C 3 -8.28 -15.25 -2.65
C GLN C 3 -7.50 -14.77 -3.87
N MET C 4 -6.55 -13.85 -3.66
CA MET C 4 -5.70 -13.31 -4.72
C MET C 4 -4.31 -13.86 -4.51
N THR C 5 -3.67 -14.35 -5.57
CA THR C 5 -2.33 -14.90 -5.43
C THR C 5 -1.38 -14.41 -6.51
N GLN C 6 -0.17 -14.10 -6.08
CA GLN C 6 0.92 -13.67 -6.93
C GLN C 6 2.00 -14.72 -6.74
N SER C 7 2.16 -15.62 -7.74
CA SER C 7 3.09 -16.77 -7.66
C SER C 7 4.55 -16.38 -7.43
N THR C 8 4.99 -15.21 -7.95
CA THR C 8 6.37 -14.76 -7.73
C THR C 8 6.43 -13.80 -6.54
N SER C 9 7.18 -14.17 -5.50
CA SER C 9 7.35 -13.32 -4.32
C SER C 9 8.41 -12.25 -4.58
N SER C 10 9.49 -12.63 -5.27
CA SER C 10 10.55 -11.72 -5.65
C SER C 10 11.34 -12.22 -6.84
N LEU C 11 11.88 -11.29 -7.61
CA LEU C 11 12.70 -11.56 -8.78
C LEU C 11 13.58 -10.38 -9.12
N SER C 12 14.63 -10.62 -9.91
CA SER C 12 15.48 -9.55 -10.37
C SER C 12 15.41 -9.55 -11.89
N ALA C 13 15.53 -8.37 -12.50
CA ALA C 13 15.50 -8.24 -13.95
C ALA C 13 16.37 -7.09 -14.38
N SER C 14 16.89 -7.18 -15.60
CA SER C 14 17.79 -6.18 -16.15
C SER C 14 17.05 -5.03 -16.80
N VAL C 15 17.68 -3.86 -16.84
CA VAL C 15 17.17 -2.66 -17.52
C VAL C 15 16.98 -3.03 -19.00
N GLY C 16 15.78 -2.77 -19.52
CA GLY C 16 15.44 -3.06 -20.90
C GLY C 16 14.60 -4.31 -21.07
N ASP C 17 14.62 -5.20 -20.05
CA ASP C 17 13.86 -6.46 -20.07
C ASP C 17 12.36 -6.23 -20.08
N ARG C 18 11.62 -7.11 -20.77
CA ARG C 18 10.15 -7.11 -20.75
C ARG C 18 9.80 -7.94 -19.51
N VAL C 19 9.23 -7.28 -18.47
CA VAL C 19 8.88 -7.92 -17.19
C VAL C 19 7.38 -8.18 -17.11
N THR C 20 7.01 -9.40 -16.69
CA THR C 20 5.63 -9.87 -16.53
C THR C 20 5.40 -10.22 -15.04
N ILE C 21 4.35 -9.64 -14.42
CA ILE C 21 3.97 -9.96 -13.02
C ILE C 21 2.54 -10.50 -13.08
N THR C 22 2.31 -11.73 -12.60
CA THR C 22 1.01 -12.39 -12.66
C THR C 22 0.27 -12.32 -11.33
N CYS C 23 -1.06 -12.33 -11.43
CA CYS C 23 -2.02 -12.29 -10.34
C CYS C 23 -3.15 -13.25 -10.72
N ARG C 24 -3.53 -14.19 -9.84
CA ARG C 24 -4.63 -15.12 -10.09
C ARG C 24 -5.68 -14.98 -9.00
N ALA C 25 -6.96 -14.83 -9.40
CA ALA C 25 -8.07 -14.73 -8.44
C ALA C 25 -8.63 -16.13 -8.28
N SER C 26 -9.17 -16.45 -7.08
CA SER C 26 -9.75 -17.76 -6.80
C SER C 26 -11.08 -18.02 -7.54
N GLN C 27 -11.72 -16.94 -8.05
CA GLN C 27 -12.97 -17.00 -8.83
C GLN C 27 -13.04 -15.78 -9.75
N ASP C 28 -14.00 -15.78 -10.68
CA ASP C 28 -14.21 -14.69 -11.64
C ASP C 28 -14.31 -13.31 -10.95
N ILE C 29 -13.45 -12.36 -11.38
CA ILE C 29 -13.48 -11.02 -10.79
C ILE C 29 -13.93 -9.97 -11.81
N SER C 30 -14.37 -10.41 -13.02
CA SER C 30 -14.95 -9.55 -14.07
C SER C 30 -14.09 -8.33 -14.43
N ASN C 31 -12.75 -8.51 -14.51
CA ASN C 31 -11.79 -7.46 -14.85
C ASN C 31 -11.71 -6.34 -13.78
N TYR C 32 -12.35 -6.53 -12.60
CA TYR C 32 -12.31 -5.51 -11.54
C TYR C 32 -11.02 -5.73 -10.77
N LEU C 33 -9.92 -5.36 -11.43
CA LEU C 33 -8.58 -5.54 -10.90
C LEU C 33 -7.76 -4.29 -11.11
N SER C 34 -6.93 -3.96 -10.12
CA SER C 34 -6.03 -2.82 -10.20
C SER C 34 -4.66 -3.22 -9.65
N TRP C 35 -3.62 -2.55 -10.17
CA TRP C 35 -2.21 -2.78 -9.83
C TRP C 35 -1.63 -1.56 -9.13
N TYR C 36 -0.92 -1.79 -8.04
CA TYR C 36 -0.29 -0.76 -7.20
C TYR C 36 1.20 -0.97 -7.10
N GLN C 37 1.96 0.12 -7.10
CA GLN C 37 3.40 0.08 -6.99
C GLN C 37 3.83 0.72 -5.68
N GLN C 38 4.66 -0.02 -4.90
CA GLN C 38 5.15 0.48 -3.64
C GLN C 38 6.66 0.62 -3.65
N LYS C 39 7.13 1.86 -3.53
CA LYS C 39 8.57 2.13 -3.48
C LYS C 39 9.01 2.49 -2.06
N PRO C 40 10.26 2.14 -1.67
CA PRO C 40 10.74 2.51 -0.32
C PRO C 40 10.66 4.01 -0.05
N GLY C 41 10.11 4.36 1.12
CA GLY C 41 9.98 5.73 1.58
C GLY C 41 9.00 6.61 0.83
N LYS C 42 8.15 6.00 -0.04
CA LYS C 42 7.15 6.70 -0.85
C LYS C 42 5.76 6.09 -0.67
N ALA C 43 4.70 6.92 -0.84
CA ALA C 43 3.32 6.45 -0.76
C ALA C 43 3.05 5.54 -1.95
N VAL C 44 2.21 4.53 -1.73
CA VAL C 44 1.78 3.56 -2.75
C VAL C 44 1.14 4.35 -3.91
N LYS C 45 1.38 3.91 -5.15
CA LYS C 45 0.86 4.57 -6.34
C LYS C 45 -0.02 3.63 -7.16
N LEU C 46 -1.17 4.12 -7.64
CA LEU C 46 -2.00 3.31 -8.52
C LEU C 46 -1.34 3.37 -9.91
N LEU C 47 -1.15 2.21 -10.57
CA LEU C 47 -0.56 2.17 -11.91
C LEU C 47 -1.63 1.91 -12.98
N ILE C 48 -2.39 0.82 -12.77
CA ILE C 48 -3.39 0.31 -13.72
C ILE C 48 -4.70 0.04 -13.00
N TYR C 49 -5.83 0.40 -13.62
CA TYR C 49 -7.15 0.14 -13.02
C TYR C 49 -8.04 -0.53 -14.05
N TYR C 50 -9.10 -1.23 -13.61
CA TYR C 50 -10.02 -1.94 -14.51
C TYR C 50 -9.26 -2.81 -15.53
N THR C 51 -8.28 -3.59 -15.02
CA THR C 51 -7.39 -4.53 -15.72
C THR C 51 -6.34 -3.89 -16.63
N SER C 52 -6.72 -2.93 -17.49
CA SER C 52 -5.83 -2.39 -18.54
C SER C 52 -5.75 -0.85 -18.66
N LYS C 53 -6.45 -0.10 -17.81
CA LYS C 53 -6.46 1.35 -17.91
C LYS C 53 -5.31 1.95 -17.14
N LEU C 54 -4.53 2.78 -17.82
CA LEU C 54 -3.36 3.42 -17.23
C LEU C 54 -3.78 4.66 -16.42
N HIS C 55 -3.34 4.77 -15.16
CA HIS C 55 -3.63 5.94 -14.33
C HIS C 55 -2.86 7.12 -14.91
N SER C 56 -3.49 8.32 -14.92
CA SER C 56 -2.87 9.54 -15.44
C SER C 56 -1.52 9.79 -14.75
N GLY C 57 -0.49 10.07 -15.55
CA GLY C 57 0.87 10.34 -15.07
C GLY C 57 1.79 9.13 -15.04
N VAL C 58 1.23 7.92 -15.20
CA VAL C 58 2.00 6.68 -15.19
C VAL C 58 2.65 6.46 -16.58
N PRO C 59 3.96 6.12 -16.63
CA PRO C 59 4.63 5.89 -17.93
C PRO C 59 3.94 4.80 -18.77
N SER C 60 3.91 4.98 -20.10
CA SER C 60 3.26 4.06 -21.06
C SER C 60 3.92 2.66 -21.15
N ARG C 61 5.13 2.47 -20.57
CA ARG C 61 5.81 1.18 -20.54
C ARG C 61 5.04 0.17 -19.64
N PHE C 62 4.16 0.70 -18.77
CA PHE C 62 3.30 -0.11 -17.90
C PHE C 62 2.00 -0.39 -18.62
N SER C 63 1.60 -1.66 -18.65
CA SER C 63 0.32 -2.08 -19.26
C SER C 63 -0.24 -3.25 -18.45
N GLY C 64 -1.54 -3.50 -18.61
CA GLY C 64 -2.21 -4.59 -17.92
C GLY C 64 -3.12 -5.37 -18.85
N SER C 65 -3.27 -6.68 -18.61
CA SER C 65 -4.13 -7.56 -19.41
C SER C 65 -4.76 -8.63 -18.51
N GLY C 66 -5.68 -9.38 -19.08
CA GLY C 66 -6.34 -10.47 -18.39
C GLY C 66 -7.85 -10.41 -18.44
N SER C 67 -8.48 -11.46 -17.88
CA SER C 67 -9.93 -11.66 -17.79
C SER C 67 -10.19 -12.86 -16.87
N GLY C 68 -11.41 -12.96 -16.36
CA GLY C 68 -11.83 -14.03 -15.48
C GLY C 68 -11.03 -14.05 -14.20
N THR C 69 -10.07 -15.00 -14.12
CA THR C 69 -9.21 -15.18 -12.94
C THR C 69 -7.72 -14.83 -13.15
N ASP C 70 -7.23 -14.79 -14.40
CA ASP C 70 -5.79 -14.58 -14.68
C ASP C 70 -5.48 -13.19 -15.18
N TYR C 71 -4.56 -12.49 -14.49
CA TYR C 71 -4.18 -11.11 -14.81
C TYR C 71 -2.67 -10.92 -14.86
N THR C 72 -2.21 -9.98 -15.68
CA THR C 72 -0.79 -9.69 -15.85
C THR C 72 -0.50 -8.20 -15.95
N LEU C 73 0.52 -7.77 -15.20
CA LEU C 73 1.08 -6.42 -15.28
C LEU C 73 2.36 -6.60 -16.08
N THR C 74 2.52 -5.82 -17.16
CA THR C 74 3.71 -5.87 -18.01
C THR C 74 4.46 -4.54 -17.98
N ILE C 75 5.79 -4.63 -17.91
CA ILE C 75 6.69 -3.50 -18.04
C ILE C 75 7.44 -3.84 -19.33
N SER C 76 7.12 -3.12 -20.43
CA SER C 76 7.66 -3.37 -21.77
C SER C 76 9.18 -3.31 -21.86
N SER C 77 9.79 -2.28 -21.25
CA SER C 77 11.23 -2.08 -21.19
C SER C 77 11.57 -1.53 -19.80
N LEU C 78 12.01 -2.43 -18.91
CA LEU C 78 12.32 -2.09 -17.50
C LEU C 78 13.35 -0.95 -17.33
N GLN C 79 13.09 -0.02 -16.38
CA GLN C 79 13.97 1.10 -16.05
C GLN C 79 14.47 0.97 -14.61
N GLN C 80 15.63 1.59 -14.28
CA GLN C 80 16.21 1.50 -12.94
C GLN C 80 15.26 1.99 -11.82
N GLU C 81 14.40 2.99 -12.11
CA GLU C 81 13.45 3.55 -11.16
C GLU C 81 12.23 2.62 -10.88
N ASP C 82 12.13 1.49 -11.61
CA ASP C 82 11.03 0.54 -11.49
C ASP C 82 11.17 -0.46 -10.33
N PHE C 83 12.28 -0.38 -9.56
CA PHE C 83 12.47 -1.23 -8.39
C PHE C 83 11.36 -0.87 -7.41
N ALA C 84 10.54 -1.87 -7.05
CA ALA C 84 9.39 -1.67 -6.17
C ALA C 84 8.74 -3.00 -5.91
N THR C 85 7.70 -3.01 -5.05
CA THR C 85 6.86 -4.18 -4.81
C THR C 85 5.52 -3.86 -5.49
N TYR C 86 5.00 -4.83 -6.27
CA TYR C 86 3.78 -4.66 -7.04
C TYR C 86 2.66 -5.52 -6.48
N PHE C 87 1.47 -4.93 -6.23
CA PHE C 87 0.33 -5.64 -5.64
C PHE C 87 -0.88 -5.51 -6.54
N CYS C 88 -1.65 -6.59 -6.69
CA CYS C 88 -2.93 -6.56 -7.40
C CYS C 88 -4.02 -6.50 -6.33
N LEU C 89 -5.20 -5.98 -6.70
CA LEU C 89 -6.36 -5.85 -5.81
C LEU C 89 -7.61 -6.19 -6.58
N GLN C 90 -8.51 -6.99 -5.99
CA GLN C 90 -9.79 -7.29 -6.63
C GLN C 90 -10.87 -6.43 -6.01
N GLY C 91 -11.76 -5.92 -6.85
CA GLY C 91 -12.91 -5.13 -6.40
C GLY C 91 -14.23 -5.78 -6.75
N LYS C 92 -14.20 -7.08 -7.07
CA LYS C 92 -15.40 -7.84 -7.43
C LYS C 92 -16.33 -8.07 -6.23
N MET C 93 -15.74 -8.45 -5.09
CA MET C 93 -16.57 -8.77 -3.93
C MET C 93 -15.94 -8.36 -2.63
N LEU C 94 -16.76 -7.85 -1.69
CA LEU C 94 -16.29 -7.54 -0.34
C LEU C 94 -16.10 -8.89 0.40
N PRO C 95 -15.03 -9.05 1.20
CA PRO C 95 -13.96 -8.08 1.46
C PRO C 95 -12.98 -7.95 0.30
N TRP C 96 -12.55 -6.70 0.01
CA TRP C 96 -11.58 -6.46 -1.05
C TRP C 96 -10.28 -7.07 -0.60
N THR C 97 -9.59 -7.72 -1.51
CA THR C 97 -8.38 -8.46 -1.15
C THR C 97 -7.25 -8.17 -2.08
N PHE C 98 -6.03 -8.14 -1.51
CA PHE C 98 -4.81 -7.90 -2.29
C PHE C 98 -4.04 -9.19 -2.52
N GLY C 99 -3.23 -9.19 -3.58
CA GLY C 99 -2.24 -10.25 -3.80
C GLY C 99 -1.14 -10.03 -2.76
N GLN C 100 -0.27 -11.02 -2.55
CA GLN C 100 0.80 -10.91 -1.53
C GLN C 100 1.92 -9.94 -1.88
N GLY C 101 1.99 -9.58 -3.15
CA GLY C 101 2.99 -8.66 -3.67
C GLY C 101 4.17 -9.36 -4.30
N THR C 102 4.75 -8.72 -5.33
CA THR C 102 5.93 -9.22 -6.05
C THR C 102 6.97 -8.13 -5.97
N LYS C 103 8.10 -8.42 -5.31
CA LYS C 103 9.18 -7.45 -5.17
C LYS C 103 10.12 -7.59 -6.36
N LEU C 104 10.27 -6.50 -7.13
CA LEU C 104 11.10 -6.50 -8.32
C LEU C 104 12.39 -5.72 -8.06
N GLU C 105 13.52 -6.43 -8.15
CA GLU C 105 14.87 -5.91 -7.96
C GLU C 105 15.50 -5.66 -9.33
N ILE C 106 16.36 -4.64 -9.44
CA ILE C 106 17.04 -4.32 -10.69
C ILE C 106 18.41 -4.98 -10.69
N LYS C 107 18.70 -5.72 -11.77
CA LYS C 107 19.97 -6.38 -11.96
C LYS C 107 20.88 -5.37 -12.65
N ARG C 108 22.13 -5.29 -12.25
CA ARG C 108 23.11 -4.37 -12.82
C ARG C 108 24.49 -5.02 -12.81
N THR C 109 25.50 -4.34 -13.36
CA THR C 109 26.86 -4.88 -13.36
C THR C 109 27.38 -5.04 -11.93
N VAL C 110 28.26 -6.01 -11.73
CA VAL C 110 28.87 -6.23 -10.42
C VAL C 110 29.70 -4.97 -10.07
N ALA C 111 29.58 -4.52 -8.81
CA ALA C 111 30.28 -3.33 -8.30
C ALA C 111 30.82 -3.64 -6.91
N ALA C 112 32.14 -3.57 -6.77
CA ALA C 112 32.81 -3.89 -5.50
C ALA C 112 32.46 -2.84 -4.44
N PRO C 113 32.31 -3.23 -3.15
CA PRO C 113 32.04 -2.20 -2.14
C PRO C 113 33.31 -1.44 -1.75
N SER C 114 33.13 -0.19 -1.29
CA SER C 114 34.20 0.60 -0.67
C SER C 114 34.00 0.18 0.80
N VAL C 115 35.07 -0.19 1.49
CA VAL C 115 34.98 -0.69 2.86
C VAL C 115 35.59 0.29 3.84
N PHE C 116 34.92 0.51 4.97
CA PHE C 116 35.42 1.43 6.01
C PHE C 116 35.18 0.82 7.40
N ILE C 117 36.12 1.03 8.33
CA ILE C 117 36.02 0.53 9.70
C ILE C 117 35.99 1.71 10.69
N PHE C 118 35.11 1.62 11.69
CA PHE C 118 35.01 2.66 12.69
C PHE C 118 35.19 2.07 14.10
N PRO C 119 36.23 2.50 14.84
CA PRO C 119 36.37 2.01 16.23
C PRO C 119 35.26 2.64 17.09
N PRO C 120 34.98 2.12 18.31
CA PRO C 120 33.99 2.80 19.17
C PRO C 120 34.49 4.19 19.55
N SER C 121 33.57 5.16 19.72
CA SER C 121 33.96 6.52 20.12
C SER C 121 34.41 6.53 21.57
N ASP C 122 35.25 7.51 21.94
CA ASP C 122 35.68 7.69 23.34
C ASP C 122 34.44 7.94 24.20
N GLU C 123 33.44 8.63 23.62
CA GLU C 123 32.15 8.94 24.24
C GLU C 123 31.41 7.66 24.67
N GLN C 124 31.28 6.67 23.76
CA GLN C 124 30.61 5.41 24.07
C GLN C 124 31.39 4.57 25.09
N LEU C 125 32.72 4.51 24.96
CA LEU C 125 33.58 3.74 25.87
C LEU C 125 33.42 4.17 27.34
N LYS C 126 33.09 5.45 27.59
CA LYS C 126 32.85 5.99 28.94
C LYS C 126 31.58 5.37 29.57
N SER C 127 30.67 4.83 28.74
CA SER C 127 29.41 4.20 29.16
C SER C 127 29.50 2.69 29.47
N GLY C 128 30.61 2.04 29.11
CA GLY C 128 30.83 0.62 29.39
C GLY C 128 30.58 -0.35 28.24
N THR C 129 30.26 0.17 27.05
CA THR C 129 30.01 -0.65 25.86
C THR C 129 30.91 -0.20 24.71
N ALA C 130 31.23 -1.13 23.79
CA ALA C 130 32.03 -0.84 22.62
C ALA C 130 31.34 -1.40 21.37
N SER C 131 30.99 -0.51 20.46
CA SER C 131 30.40 -0.89 19.18
C SER C 131 31.41 -0.55 18.10
N VAL C 132 31.78 -1.55 17.28
CA VAL C 132 32.71 -1.40 16.18
C VAL C 132 31.89 -1.51 14.93
N VAL C 133 32.02 -0.55 14.01
CA VAL C 133 31.17 -0.53 12.81
C VAL C 133 31.97 -0.74 11.55
N CYS C 134 31.47 -1.63 10.69
CA CYS C 134 32.04 -1.86 9.38
C CYS C 134 31.03 -1.41 8.36
N LEU C 135 31.47 -0.59 7.41
CA LEU C 135 30.61 -0.07 6.37
C LEU C 135 31.04 -0.61 4.99
N LEU C 136 30.08 -1.16 4.24
CA LEU C 136 30.26 -1.57 2.85
C LEU C 136 29.42 -0.59 2.07
N ASN C 137 30.04 0.21 1.21
CA ASN C 137 29.34 1.26 0.51
C ASN C 137 29.17 1.05 -0.98
N ASN C 138 27.92 1.23 -1.48
CA ASN C 138 27.53 1.20 -2.90
C ASN C 138 28.05 0.00 -3.70
N PHE C 139 27.52 -1.18 -3.41
CA PHE C 139 27.93 -2.42 -4.07
C PHE C 139 26.77 -3.20 -4.69
N TYR C 140 27.11 -4.13 -5.57
CA TYR C 140 26.14 -5.01 -6.23
C TYR C 140 26.87 -6.30 -6.62
N PRO C 141 26.34 -7.52 -6.37
CA PRO C 141 25.03 -7.85 -5.77
C PRO C 141 24.97 -7.65 -4.25
N ARG C 142 23.76 -7.76 -3.66
CA ARG C 142 23.47 -7.60 -2.22
C ARG C 142 24.27 -8.57 -1.36
N GLU C 143 24.49 -9.81 -1.87
CA GLU C 143 25.19 -10.91 -1.21
C GLU C 143 26.65 -10.57 -0.91
N ALA C 144 27.04 -10.73 0.36
CA ALA C 144 28.40 -10.43 0.82
C ALA C 144 28.67 -11.15 2.13
N LYS C 145 29.90 -11.63 2.30
CA LYS C 145 30.33 -12.29 3.54
C LYS C 145 31.12 -11.23 4.32
N VAL C 146 30.58 -10.80 5.46
CA VAL C 146 31.20 -9.75 6.30
C VAL C 146 31.52 -10.39 7.64
N GLN C 147 32.83 -10.51 7.93
CA GLN C 147 33.26 -11.22 9.14
C GLN C 147 34.14 -10.37 10.02
N TRP C 148 33.98 -10.54 11.32
CA TRP C 148 34.74 -9.85 12.33
C TRP C 148 35.80 -10.78 12.89
N LYS C 149 37.01 -10.25 13.05
CA LYS C 149 38.17 -10.94 13.61
C LYS C 149 38.76 -10.05 14.67
N VAL C 150 38.92 -10.60 15.87
CA VAL C 150 39.49 -9.89 17.01
C VAL C 150 40.75 -10.67 17.41
N ASP C 151 41.92 -10.06 17.22
CA ASP C 151 43.25 -10.67 17.45
C ASP C 151 43.36 -11.98 16.68
N ASN C 152 42.91 -11.94 15.41
CA ASN C 152 42.92 -13.07 14.49
C ASN C 152 41.95 -14.22 14.91
N ALA C 153 40.96 -13.94 15.78
CA ALA C 153 39.96 -14.95 16.16
C ALA C 153 38.62 -14.57 15.53
N LEU C 154 38.04 -15.47 14.71
CA LEU C 154 36.76 -15.23 14.01
C LEU C 154 35.63 -15.11 15.01
N GLN C 155 34.90 -14.00 14.94
CA GLN C 155 33.79 -13.72 15.85
C GLN C 155 32.51 -14.37 15.39
N SER C 156 31.70 -14.84 16.35
CA SER C 156 30.40 -15.44 16.07
C SER C 156 29.35 -15.00 17.10
N GLY C 157 28.18 -14.62 16.58
CA GLY C 157 26.99 -14.26 17.34
C GLY C 157 26.98 -12.95 18.11
N ASN C 158 27.97 -12.08 17.87
CA ASN C 158 28.09 -10.80 18.57
C ASN C 158 28.09 -9.61 17.59
N SER C 159 27.56 -9.84 16.38
CA SER C 159 27.42 -8.79 15.37
C SER C 159 26.06 -8.82 14.70
N GLN C 160 25.60 -7.66 14.23
CA GLN C 160 24.35 -7.54 13.50
C GLN C 160 24.55 -6.75 12.24
N GLU C 161 23.86 -7.15 11.17
CA GLU C 161 23.94 -6.49 9.88
C GLU C 161 22.65 -5.74 9.54
N SER C 162 22.77 -4.71 8.73
CA SER C 162 21.65 -3.96 8.18
C SER C 162 22.00 -3.61 6.74
N VAL C 163 21.03 -3.72 5.83
CA VAL C 163 21.26 -3.41 4.42
C VAL C 163 20.23 -2.38 3.98
N THR C 164 20.66 -1.40 3.18
CA THR C 164 19.77 -0.38 2.63
C THR C 164 18.91 -1.01 1.51
N GLU C 165 17.82 -0.35 1.15
CA GLU C 165 17.01 -0.77 0.01
C GLU C 165 17.80 -0.37 -1.21
N GLN C 166 17.55 -1.04 -2.33
CA GLN C 166 18.25 -0.75 -3.56
C GLN C 166 18.19 0.74 -3.93
N ASP C 167 19.34 1.31 -4.29
CA ASP C 167 19.46 2.71 -4.66
C ASP C 167 18.68 3.01 -5.94
N SER C 168 17.94 4.11 -5.95
CA SER C 168 17.09 4.48 -7.07
C SER C 168 17.85 4.98 -8.31
N LYS C 169 19.10 5.46 -8.14
CA LYS C 169 19.88 6.01 -9.25
C LYS C 169 21.00 5.12 -9.76
N ASP C 170 21.72 4.42 -8.86
CA ASP C 170 22.82 3.54 -9.29
C ASP C 170 22.55 2.02 -9.05
N SER C 171 21.35 1.66 -8.51
CA SER C 171 20.90 0.28 -8.26
C SER C 171 21.80 -0.52 -7.29
N THR C 172 22.60 0.18 -6.47
CA THR C 172 23.48 -0.50 -5.52
C THR C 172 22.86 -0.64 -4.12
N TYR C 173 23.57 -1.38 -3.26
CA TYR C 173 23.22 -1.57 -1.86
C TYR C 173 24.36 -1.05 -1.01
N SER C 174 24.09 -0.80 0.27
CA SER C 174 25.10 -0.44 1.25
C SER C 174 24.75 -1.25 2.48
N LEU C 175 25.76 -1.66 3.22
CA LEU C 175 25.58 -2.53 4.37
C LEU C 175 26.39 -2.04 5.55
N SER C 176 25.85 -2.21 6.76
CA SER C 176 26.58 -1.92 7.98
C SER C 176 26.60 -3.21 8.78
N SER C 177 27.71 -3.47 9.46
CA SER C 177 27.87 -4.58 10.38
C SER C 177 28.42 -3.99 11.66
N THR C 178 27.75 -4.26 12.78
CA THR C 178 28.13 -3.72 14.06
C THR C 178 28.48 -4.85 15.01
N LEU C 179 29.71 -4.83 15.53
CA LEU C 179 30.23 -5.79 16.51
C LEU C 179 30.07 -5.12 17.87
N THR C 180 29.38 -5.76 18.81
CA THR C 180 29.14 -5.20 20.14
C THR C 180 29.83 -6.02 21.19
N LEU C 181 30.73 -5.38 21.96
CA LEU C 181 31.49 -5.99 23.04
C LEU C 181 31.37 -5.12 24.29
N SER C 182 31.60 -5.69 25.48
CA SER C 182 31.64 -4.87 26.69
C SER C 182 32.95 -4.09 26.63
N LYS C 183 33.04 -2.94 27.32
CA LYS C 183 34.26 -2.13 27.39
C LYS C 183 35.45 -3.02 27.85
N ALA C 184 35.24 -3.82 28.91
CA ALA C 184 36.22 -4.74 29.49
C ALA C 184 36.75 -5.75 28.47
N ASP C 185 35.85 -6.40 27.71
CA ASP C 185 36.19 -7.36 26.63
C ASP C 185 36.97 -6.66 25.52
N TYR C 186 36.52 -5.45 25.13
CA TYR C 186 37.15 -4.63 24.09
C TYR C 186 38.60 -4.25 24.43
N GLU C 187 38.84 -3.90 25.70
CA GLU C 187 40.17 -3.49 26.18
C GLU C 187 41.16 -4.67 26.33
N LYS C 188 40.64 -5.91 26.29
CA LYS C 188 41.44 -7.14 26.41
C LYS C 188 42.12 -7.53 25.09
N HIS C 189 41.78 -6.85 23.96
CA HIS C 189 42.30 -7.15 22.64
C HIS C 189 42.85 -5.94 21.88
N LYS C 190 43.73 -6.18 20.91
CA LYS C 190 44.37 -5.12 20.12
C LYS C 190 43.83 -4.96 18.69
N VAL C 191 43.86 -6.04 17.88
CA VAL C 191 43.51 -5.97 16.47
C VAL C 191 42.02 -6.22 16.21
N TYR C 192 41.35 -5.22 15.63
CA TYR C 192 39.94 -5.33 15.26
C TYR C 192 39.85 -5.25 13.75
N ALA C 193 39.31 -6.30 13.13
CA ALA C 193 39.29 -6.35 11.69
C ALA C 193 37.94 -6.77 11.13
N CYS C 194 37.54 -6.14 10.01
CA CYS C 194 36.35 -6.46 9.27
C CYS C 194 36.81 -7.02 7.91
N GLU C 195 36.46 -8.27 7.61
CA GLU C 195 36.83 -8.91 6.34
C GLU C 195 35.63 -9.13 5.44
N VAL C 196 35.74 -8.66 4.18
CA VAL C 196 34.66 -8.68 3.21
C VAL C 196 34.98 -9.57 2.00
N THR C 197 34.09 -10.57 1.74
CA THR C 197 34.18 -11.43 0.57
C THR C 197 32.98 -11.03 -0.30
N HIS C 198 33.24 -10.65 -1.56
CA HIS C 198 32.19 -10.19 -2.47
C HIS C 198 32.55 -10.48 -3.92
N GLN C 199 31.54 -10.73 -4.77
CA GLN C 199 31.71 -11.06 -6.19
C GLN C 199 32.58 -10.04 -6.96
N GLY C 200 32.53 -8.76 -6.52
CA GLY C 200 33.29 -7.67 -7.13
C GLY C 200 34.74 -7.60 -6.72
N LEU C 201 35.10 -8.29 -5.62
CA LEU C 201 36.47 -8.32 -5.11
C LEU C 201 37.22 -9.57 -5.58
N SER C 202 38.42 -9.40 -6.18
CA SER C 202 39.26 -10.50 -6.72
C SER C 202 39.80 -11.40 -5.59
N SER C 203 39.90 -10.84 -4.37
CA SER C 203 40.29 -11.51 -3.13
C SER C 203 39.71 -10.70 -1.96
N PRO C 204 39.39 -11.33 -0.79
CA PRO C 204 38.74 -10.57 0.29
C PRO C 204 39.50 -9.33 0.74
N VAL C 205 38.76 -8.28 1.08
CA VAL C 205 39.34 -7.02 1.57
C VAL C 205 39.16 -7.00 3.07
N THR C 206 40.22 -6.61 3.79
CA THR C 206 40.17 -6.48 5.24
C THR C 206 40.50 -5.05 5.64
N LYS C 207 39.67 -4.46 6.51
CA LYS C 207 39.93 -3.13 7.08
C LYS C 207 40.12 -3.34 8.56
N SER C 208 41.19 -2.80 9.11
CA SER C 208 41.52 -3.03 10.50
C SER C 208 42.10 -1.80 11.17
N PHE C 209 42.13 -1.83 12.50
CA PHE C 209 42.74 -0.83 13.36
C PHE C 209 43.25 -1.52 14.62
N ASN C 210 44.27 -0.92 15.24
CA ASN C 210 44.84 -1.39 16.50
C ASN C 210 44.28 -0.47 17.58
N ARG C 211 43.64 -1.05 18.62
CA ARG C 211 43.01 -0.29 19.70
C ARG C 211 43.96 0.73 20.37
N GLY C 212 45.24 0.36 20.46
CA GLY C 212 46.29 1.19 21.06
C GLY C 212 46.64 2.48 20.34
N GLU C 213 45.74 2.96 19.44
CA GLU C 213 45.86 4.20 18.65
C GLU C 213 47.11 4.23 17.79
#